data_8YO6
#
_entry.id   8YO6
#
_cell.length_a   51.090
_cell.length_b   86.250
_cell.length_c   105.940
_cell.angle_alpha   90.000
_cell.angle_beta   90.000
_cell.angle_gamma   90.000
#
_symmetry.space_group_name_H-M   'I 2 2 2'
#
loop_
_entity.id
_entity.type
_entity.pdbx_description
1 polymer 'Cag pathogenicity island protein T'
2 water water
#
_entity_poly.entity_id   1
_entity_poly.type   'polypeptide(L)'
_entity_poly.pdbx_seq_one_letter_code
;HHHHHHMDKLKDTPFMVQVKLPNYKDYLLDNKQVVLTFKLVHHSKKITLIGDANKILQYKNYFQANGARSDIDFYLQPTL
NQKGVVMIASNYNDNPNSKEKPQTFDVLQGSQPMLGANT
;
_entity_poly.pdbx_strand_id   A,B
#
# COMPACT_ATOMS: atom_id res chain seq x y z
N LYS A 11 14.12 -4.31 8.73
CA LYS A 11 13.36 -5.43 9.29
C LYS A 11 11.90 -5.29 8.87
N ASP A 12 11.39 -4.07 8.94
CA ASP A 12 10.06 -3.79 8.42
C ASP A 12 10.05 -3.98 6.92
N THR A 13 8.94 -4.51 6.41
CA THR A 13 8.79 -4.72 4.99
C THR A 13 8.75 -3.37 4.29
N PRO A 14 9.60 -3.12 3.31
CA PRO A 14 9.46 -1.87 2.54
C PRO A 14 8.13 -1.85 1.82
N PHE A 15 7.41 -0.74 1.92
CA PHE A 15 6.10 -0.66 1.31
C PHE A 15 5.92 0.69 0.64
N MET A 16 4.99 0.71 -0.31
CA MET A 16 4.45 1.95 -0.84
C MET A 16 2.95 1.72 -1.00
N VAL A 17 2.14 2.57 -0.36
CA VAL A 17 0.69 2.43 -0.37
C VAL A 17 0.12 3.66 -1.07
N GLN A 18 -0.70 3.43 -2.08
CA GLN A 18 -1.39 4.52 -2.79
C GLN A 18 -2.87 4.38 -2.53
N VAL A 19 -3.49 5.43 -1.97
CA VAL A 19 -4.92 5.38 -1.71
C VAL A 19 -5.59 6.58 -2.36
N LYS A 20 -6.86 6.40 -2.73
CA LYS A 20 -7.64 7.48 -3.33
C LYS A 20 -8.54 8.04 -2.23
N LEU A 21 -8.46 9.35 -1.99
CA LEU A 21 -9.23 9.99 -0.93
C LEU A 21 -10.21 10.99 -1.52
N PRO A 22 -11.36 11.23 -0.85
CA PRO A 22 -12.31 12.21 -1.39
C PRO A 22 -11.87 13.63 -1.05
N ASN A 23 -12.75 14.60 -1.33
CA ASN A 23 -12.48 15.95 -0.87
C ASN A 23 -12.28 15.94 0.64
N TYR A 24 -11.41 16.83 1.12
CA TYR A 24 -11.06 16.88 2.53
C TYR A 24 -12.28 16.96 3.45
N LYS A 25 -13.29 17.75 3.07
CA LYS A 25 -14.42 17.93 3.98
C LYS A 25 -15.26 16.67 4.10
N ASP A 26 -15.33 15.86 3.03
CA ASP A 26 -16.06 14.59 3.11
C ASP A 26 -15.22 13.54 3.84
N TYR A 27 -13.91 13.54 3.61
CA TYR A 27 -13.01 12.63 4.31
C TYR A 27 -13.15 12.73 5.80
N LEU A 28 -13.27 13.96 6.32
CA LEU A 28 -13.37 14.17 7.76
C LEU A 28 -14.59 13.47 8.35
N LEU A 29 -15.64 13.21 7.57
CA LEU A 29 -16.84 12.54 8.04
C LEU A 29 -16.75 11.02 8.00
N ASP A 30 -15.71 10.47 7.37
CA ASP A 30 -15.51 9.01 7.22
C ASP A 30 -14.50 8.57 8.26
N ASN A 31 -14.99 8.17 9.43
CA ASN A 31 -14.11 7.84 10.56
C ASN A 31 -13.19 6.69 10.22
N LYS A 32 -13.70 5.69 9.51
CA LYS A 32 -12.87 4.54 9.18
C LYS A 32 -11.71 4.96 8.28
N GLN A 33 -11.99 5.86 7.34
CA GLN A 33 -10.97 6.37 6.43
C GLN A 33 -9.97 7.27 7.16
N VAL A 34 -10.45 8.12 8.07
CA VAL A 34 -9.52 8.91 8.89
C VAL A 34 -8.56 8.01 9.66
N VAL A 35 -9.10 7.01 10.36
CA VAL A 35 -8.25 6.12 11.15
C VAL A 35 -7.24 5.41 10.23
N LEU A 36 -7.71 4.94 9.07
CA LEU A 36 -6.78 4.26 8.15
C LEU A 36 -5.65 5.19 7.71
N THR A 37 -5.96 6.45 7.36
CA THR A 37 -4.87 7.33 6.92
C THR A 37 -3.87 7.59 8.03
N PHE A 38 -4.33 7.65 9.28
CA PHE A 38 -3.36 7.88 10.34
C PHE A 38 -2.56 6.62 10.65
N LYS A 39 -3.14 5.43 10.51
CA LYS A 39 -2.30 4.24 10.57
C LYS A 39 -1.22 4.28 9.50
N LEU A 40 -1.56 4.72 8.29
CA LEU A 40 -0.53 4.88 7.25
C LEU A 40 0.55 5.87 7.67
N VAL A 41 0.13 7.05 8.12
CA VAL A 41 1.08 8.08 8.56
C VAL A 41 2.03 7.54 9.63
N HIS A 42 1.47 6.83 10.62
CA HIS A 42 2.26 6.34 11.75
C HIS A 42 3.37 5.39 11.33
N HIS A 43 3.27 4.77 10.16
CA HIS A 43 4.25 3.80 9.69
C HIS A 43 5.13 4.34 8.57
N SER A 44 4.96 5.60 8.16
CA SER A 44 5.59 6.11 6.96
C SER A 44 6.75 7.05 7.30
N LYS A 45 7.69 7.16 6.35
CA LYS A 45 8.74 8.18 6.37
C LYS A 45 8.55 9.23 5.29
N LYS A 46 7.71 8.95 4.31
CA LYS A 46 7.47 9.82 3.17
C LYS A 46 6.00 9.76 2.84
N ILE A 47 5.39 10.92 2.66
CA ILE A 47 4.00 11.03 2.22
C ILE A 47 3.93 12.04 1.07
N THR A 48 3.35 11.61 -0.04
CA THR A 48 3.09 12.45 -1.21
C THR A 48 1.59 12.63 -1.38
N LEU A 49 1.16 13.87 -1.63
CA LEU A 49 -0.24 14.19 -1.85
C LEU A 49 -0.40 14.81 -3.24
N ILE A 50 -1.31 14.26 -4.05
CA ILE A 50 -1.47 14.65 -5.47
C ILE A 50 -2.90 15.12 -5.67
N GLY A 51 -3.07 16.37 -6.12
CA GLY A 51 -4.41 16.89 -6.34
C GLY A 51 -4.38 18.41 -6.36
N ASP A 52 -5.56 18.99 -6.22
CA ASP A 52 -5.69 20.45 -6.20
C ASP A 52 -4.79 21.03 -5.11
N ALA A 53 -4.09 22.12 -5.42
CA ALA A 53 -3.12 22.69 -4.48
C ALA A 53 -3.75 23.00 -3.12
N ASN A 54 -4.97 23.54 -3.10
CA ASN A 54 -5.58 23.88 -1.81
C ASN A 54 -5.96 22.63 -1.04
N LYS A 55 -6.48 21.61 -1.73
CA LYS A 55 -6.90 20.39 -1.05
C LYS A 55 -5.71 19.61 -0.49
N ILE A 56 -4.63 19.45 -1.28
CA ILE A 56 -3.52 18.66 -0.74
C ILE A 56 -2.87 19.39 0.42
N LEU A 57 -2.95 20.73 0.45
CA LEU A 57 -2.43 21.48 1.60
C LEU A 57 -3.26 21.21 2.85
N GLN A 58 -4.58 21.18 2.75
CA GLN A 58 -5.41 20.83 3.88
C GLN A 58 -4.99 19.50 4.50
N TYR A 59 -4.79 18.48 3.66
CA TYR A 59 -4.41 17.16 4.14
C TYR A 59 -3.03 17.19 4.78
N LYS A 60 -2.06 17.83 4.12
CA LYS A 60 -0.72 17.92 4.69
C LYS A 60 -0.75 18.55 6.08
N ASN A 61 -1.42 19.69 6.23
CA ASN A 61 -1.48 20.35 7.53
C ASN A 61 -2.15 19.47 8.57
N TYR A 62 -3.18 18.74 8.17
CA TYR A 62 -3.89 17.85 9.09
C TYR A 62 -2.97 16.73 9.58
N PHE A 63 -2.24 16.10 8.66
CA PHE A 63 -1.30 15.03 9.03
C PHE A 63 -0.13 15.57 9.84
N GLN A 64 0.36 16.76 9.51
CA GLN A 64 1.42 17.33 10.31
C GLN A 64 0.94 17.68 11.72
N ALA A 65 -0.28 18.21 11.85
CA ALA A 65 -0.73 18.62 13.18
C ALA A 65 -1.09 17.44 14.08
N ASN A 66 -1.66 16.39 13.50
CA ASN A 66 -2.24 15.30 14.30
C ASN A 66 -1.56 13.95 14.10
N GLY A 67 -0.52 13.87 13.28
CA GLY A 67 0.10 12.59 12.97
C GLY A 67 1.02 12.05 14.04
N ALA A 68 1.46 12.88 14.98
CA ALA A 68 2.31 12.45 16.09
C ALA A 68 3.63 11.83 15.59
N ARG A 69 4.10 12.23 14.41
CA ARG A 69 5.40 11.82 13.92
C ARG A 69 6.22 13.04 13.54
N SER A 70 7.51 13.05 13.90
CA SER A 70 8.36 14.18 13.57
C SER A 70 9.34 13.89 12.43
N ASP A 71 9.38 12.65 11.94
CA ASP A 71 10.35 12.23 10.92
C ASP A 71 9.73 11.93 9.56
N ILE A 72 8.60 12.55 9.22
CA ILE A 72 7.97 12.37 7.91
C ILE A 72 8.30 13.51 6.96
N ASP A 73 8.68 13.19 5.72
CA ASP A 73 8.85 14.17 4.66
C ASP A 73 7.59 14.20 3.80
N PHE A 74 6.95 15.37 3.70
CA PHE A 74 5.73 15.56 2.93
C PHE A 74 6.05 16.19 1.57
N TYR A 75 5.50 15.62 0.49
CA TYR A 75 5.69 16.09 -0.88
C TYR A 75 4.35 16.45 -1.50
N LEU A 76 4.24 17.64 -2.08
CA LEU A 76 3.00 18.11 -2.69
C LEU A 76 3.11 18.12 -4.21
N GLN A 77 2.15 17.50 -4.89
CA GLN A 77 2.09 17.54 -6.35
C GLN A 77 0.77 18.15 -6.77
N PRO A 78 0.73 19.46 -7.03
CA PRO A 78 -0.52 20.11 -7.45
C PRO A 78 -0.92 19.69 -8.87
N THR A 79 -2.21 19.46 -9.05
CA THR A 79 -2.79 19.14 -10.34
C THR A 79 -4.08 19.94 -10.50
N LEU A 80 -4.76 19.75 -11.63
CA LEU A 80 -6.03 20.40 -11.88
C LEU A 80 -7.21 19.49 -11.57
N ASN A 81 -6.96 18.25 -11.15
CA ASN A 81 -8.01 17.36 -10.69
C ASN A 81 -8.78 17.98 -9.54
N GLN A 82 -10.11 17.93 -9.59
CA GLN A 82 -10.91 18.43 -8.48
C GLN A 82 -11.60 17.34 -7.67
N LYS A 83 -11.48 16.08 -8.04
CA LYS A 83 -12.21 15.02 -7.35
C LYS A 83 -11.26 14.32 -6.39
N GLY A 84 -11.16 14.85 -5.17
CA GLY A 84 -10.36 14.16 -4.20
C GLY A 84 -8.87 14.34 -4.42
N VAL A 85 -8.11 13.56 -3.66
CA VAL A 85 -6.66 13.58 -3.74
C VAL A 85 -6.16 12.13 -3.71
N VAL A 86 -4.94 11.94 -4.22
CA VAL A 86 -4.24 10.67 -4.14
C VAL A 86 -3.14 10.82 -3.11
N MET A 87 -3.05 9.87 -2.19
CA MET A 87 -2.00 9.90 -1.18
C MET A 87 -1.10 8.69 -1.35
N ILE A 88 0.20 8.91 -1.36
CA ILE A 88 1.19 7.83 -1.46
C ILE A 88 2.03 7.86 -0.20
N ALA A 89 2.04 6.75 0.54
CA ALA A 89 2.77 6.66 1.79
C ALA A 89 3.80 5.55 1.66
N SER A 90 5.00 5.79 2.18
CA SER A 90 6.09 4.85 2.00
C SER A 90 7.00 4.91 3.22
N ASN A 91 7.64 3.78 3.53
CA ASN A 91 8.61 3.78 4.61
C ASN A 91 10.04 3.81 4.11
N TYR A 92 10.23 4.19 2.85
CA TYR A 92 11.57 4.45 2.32
C TYR A 92 11.47 5.59 1.31
N LYS B 11 -17.71 3.63 1.22
CA LYS B 11 -17.20 2.27 1.29
C LYS B 11 -15.69 2.25 1.35
N ASP B 12 -15.09 1.07 1.15
CA ASP B 12 -13.66 0.90 1.40
C ASP B 12 -12.83 1.84 0.53
N THR B 13 -11.75 2.33 1.11
CA THR B 13 -10.83 3.20 0.43
C THR B 13 -10.16 2.42 -0.70
N PRO B 14 -10.22 2.87 -1.95
CA PRO B 14 -9.46 2.18 -3.02
C PRO B 14 -7.96 2.27 -2.75
N PHE B 15 -7.26 1.14 -2.88
CA PHE B 15 -5.84 1.14 -2.58
C PHE B 15 -5.04 0.31 -3.57
N MET B 16 -3.75 0.63 -3.63
CA MET B 16 -2.73 -0.19 -4.25
C MET B 16 -1.53 -0.21 -3.30
N VAL B 17 -1.10 -1.40 -2.91
CA VAL B 17 0.02 -1.56 -1.98
C VAL B 17 1.12 -2.36 -2.67
N GLN B 18 2.31 -1.79 -2.74
CA GLN B 18 3.47 -2.48 -3.30
C GLN B 18 4.45 -2.77 -2.16
N VAL B 19 4.81 -4.05 -2.00
CA VAL B 19 5.74 -4.46 -0.95
C VAL B 19 6.90 -5.23 -1.57
N LYS B 20 8.09 -5.03 -1.01
CA LYS B 20 9.27 -5.76 -1.43
C LYS B 20 9.45 -6.94 -0.49
N LEU B 21 9.48 -8.17 -1.09
CA LEU B 21 9.54 -9.42 -0.36
C LEU B 21 10.86 -10.13 -0.68
N PRO B 22 11.39 -10.90 0.26
CA PRO B 22 12.66 -11.62 0.01
C PRO B 22 12.47 -12.91 -0.76
N ASN B 23 13.52 -13.73 -0.77
CA ASN B 23 13.38 -15.08 -1.28
C ASN B 23 12.28 -15.79 -0.51
N TYR B 24 11.52 -16.64 -1.20
CA TYR B 24 10.39 -17.31 -0.55
C TYR B 24 10.83 -18.02 0.73
N LYS B 25 12.01 -18.67 0.69
CA LYS B 25 12.56 -19.38 1.84
C LYS B 25 12.71 -18.48 3.05
N ASP B 26 13.38 -17.34 2.88
CA ASP B 26 13.59 -16.43 4.01
C ASP B 26 12.27 -15.81 4.47
N TYR B 27 11.38 -15.53 3.51
CA TYR B 27 10.08 -14.94 3.84
C TYR B 27 9.33 -15.77 4.87
N LEU B 28 9.34 -17.09 4.73
CA LEU B 28 8.64 -17.93 5.69
C LEU B 28 9.21 -17.78 7.10
N LEU B 29 10.48 -17.39 7.21
CA LEU B 29 11.13 -17.22 8.51
C LEU B 29 10.85 -15.86 9.14
N ASP B 30 10.24 -14.94 8.40
CA ASP B 30 9.88 -13.61 8.88
C ASP B 30 8.39 -13.63 9.20
N ASN B 31 8.06 -13.94 10.45
CA ASN B 31 6.67 -14.12 10.85
C ASN B 31 5.86 -12.83 10.65
N LYS B 32 6.44 -11.68 10.98
CA LYS B 32 5.70 -10.43 10.84
C LYS B 32 5.36 -10.17 9.39
N GLN B 33 6.29 -10.46 8.48
CA GLN B 33 6.07 -10.25 7.05
C GLN B 33 4.99 -11.18 6.53
N VAL B 34 4.99 -12.44 6.97
CA VAL B 34 3.98 -13.41 6.54
C VAL B 34 2.59 -12.92 6.92
N VAL B 35 2.40 -12.51 8.18
CA VAL B 35 1.10 -12.02 8.62
C VAL B 35 0.68 -10.80 7.81
N LEU B 36 1.63 -9.90 7.51
CA LEU B 36 1.30 -8.70 6.77
C LEU B 36 0.80 -9.04 5.38
N THR B 37 1.51 -9.95 4.69
CA THR B 37 1.08 -10.30 3.34
C THR B 37 -0.30 -10.94 3.34
N PHE B 38 -0.65 -11.73 4.38
CA PHE B 38 -1.96 -12.34 4.37
C PHE B 38 -3.07 -11.33 4.62
N LYS B 39 -2.84 -10.31 5.45
CA LYS B 39 -3.83 -9.25 5.59
C LYS B 39 -4.01 -8.50 4.27
N LEU B 40 -2.92 -8.28 3.54
CA LEU B 40 -3.02 -7.67 2.21
C LEU B 40 -3.88 -8.52 1.28
N VAL B 41 -3.54 -9.81 1.15
CA VAL B 41 -4.31 -10.70 0.28
C VAL B 41 -5.78 -10.73 0.70
N HIS B 42 -6.02 -10.79 2.01
CA HIS B 42 -7.39 -10.83 2.52
C HIS B 42 -8.25 -9.70 1.95
N HIS B 43 -7.67 -8.52 1.78
CA HIS B 43 -8.40 -7.32 1.40
C HIS B 43 -8.32 -7.03 -0.10
N SER B 44 -7.63 -7.86 -0.87
CA SER B 44 -7.36 -7.56 -2.27
C SER B 44 -8.24 -8.38 -3.18
N LYS B 45 -8.47 -7.86 -4.38
CA LYS B 45 -9.05 -8.63 -5.47
C LYS B 45 -8.08 -8.87 -6.60
N LYS B 46 -6.92 -8.22 -6.57
CA LYS B 46 -5.89 -8.35 -7.60
C LYS B 46 -4.56 -8.46 -6.89
N ILE B 47 -3.77 -9.46 -7.25
CA ILE B 47 -2.41 -9.62 -6.74
C ILE B 47 -1.46 -9.77 -7.92
N THR B 48 -0.43 -8.94 -7.98
CA THR B 48 0.61 -9.07 -8.99
C THR B 48 1.93 -9.43 -8.31
N LEU B 49 2.62 -10.44 -8.85
CA LEU B 49 3.91 -10.85 -8.31
C LEU B 49 4.97 -10.72 -9.38
N ILE B 50 6.06 -10.00 -9.08
CA ILE B 50 7.10 -9.68 -10.05
C ILE B 50 8.42 -10.23 -9.56
N GLY B 51 9.04 -11.09 -10.34
CA GLY B 51 10.31 -11.65 -9.94
C GLY B 51 10.58 -12.93 -10.70
N ASP B 52 11.56 -13.68 -10.23
CA ASP B 52 11.91 -14.93 -10.90
C ASP B 52 10.69 -15.85 -10.93
N ALA B 53 10.48 -16.48 -12.10
CA ALA B 53 9.27 -17.25 -12.36
C ALA B 53 8.99 -18.29 -11.29
N ASN B 54 10.02 -19.00 -10.83
CA ASN B 54 9.83 -20.02 -9.81
C ASN B 54 9.47 -19.39 -8.47
N LYS B 55 10.08 -18.24 -8.16
CA LYS B 55 9.83 -17.57 -6.88
C LYS B 55 8.39 -17.09 -6.79
N ILE B 56 7.88 -16.47 -7.86
CA ILE B 56 6.52 -15.94 -7.82
C ILE B 56 5.50 -17.07 -7.82
N LEU B 57 5.84 -18.23 -8.40
CA LEU B 57 4.95 -19.39 -8.29
C LEU B 57 4.88 -19.89 -6.86
N GLN B 58 6.02 -19.98 -6.17
CA GLN B 58 6.03 -20.31 -4.75
C GLN B 58 5.06 -19.43 -3.98
N TYR B 59 5.12 -18.12 -4.19
CA TYR B 59 4.26 -17.21 -3.45
C TYR B 59 2.80 -17.40 -3.82
N LYS B 60 2.50 -17.47 -5.12
CA LYS B 60 1.13 -17.69 -5.57
C LYS B 60 0.54 -18.97 -4.96
N ASN B 61 1.25 -20.09 -5.13
CA ASN B 61 0.74 -21.37 -4.63
C ASN B 61 0.54 -21.33 -3.13
N TYR B 62 1.46 -20.69 -2.41
CA TYR B 62 1.40 -20.63 -0.95
C TYR B 62 0.14 -19.90 -0.49
N PHE B 63 -0.16 -18.75 -1.09
CA PHE B 63 -1.36 -18.02 -0.73
C PHE B 63 -2.61 -18.83 -1.06
N GLN B 64 -2.61 -19.49 -2.22
CA GLN B 64 -3.75 -20.29 -2.64
C GLN B 64 -3.87 -21.56 -1.79
N ALA B 65 -2.73 -22.15 -1.40
CA ALA B 65 -2.77 -23.37 -0.60
C ALA B 65 -3.32 -23.09 0.78
N ASN B 66 -3.30 -21.83 1.22
CA ASN B 66 -3.69 -21.44 2.57
C ASN B 66 -5.02 -20.72 2.59
N GLY B 67 -5.79 -20.79 1.51
CA GLY B 67 -7.15 -20.29 1.50
C GLY B 67 -7.47 -19.09 0.64
N ALA B 68 -6.55 -18.60 -0.17
CA ALA B 68 -6.87 -17.45 -1.02
C ALA B 68 -8.03 -17.80 -1.96
N ARG B 69 -9.03 -16.94 -1.98
CA ARG B 69 -10.25 -17.21 -2.74
C ARG B 69 -9.96 -17.29 -4.23
N SER B 70 -10.77 -18.08 -4.93
CA SER B 70 -10.65 -18.19 -6.38
C SER B 70 -11.06 -16.91 -7.10
N ASP B 71 -11.56 -15.91 -6.38
CA ASP B 71 -11.97 -14.66 -7.02
C ASP B 71 -10.90 -13.59 -6.85
N ILE B 72 -9.69 -14.00 -6.47
CA ILE B 72 -8.54 -13.14 -6.43
C ILE B 72 -7.81 -13.42 -7.74
N ASP B 73 -7.47 -12.37 -8.48
CA ASP B 73 -6.78 -12.52 -9.74
C ASP B 73 -5.29 -12.36 -9.53
N PHE B 74 -4.53 -13.41 -9.82
CA PHE B 74 -3.08 -13.38 -9.72
C PHE B 74 -2.46 -13.12 -11.08
N TYR B 75 -1.56 -12.14 -11.14
CA TYR B 75 -0.83 -11.82 -12.36
C TYR B 75 0.63 -12.04 -12.07
N LEU B 76 1.26 -12.93 -12.83
CA LEU B 76 2.66 -13.25 -12.65
C LEU B 76 3.46 -12.53 -13.71
N GLN B 77 4.45 -11.76 -13.28
CA GLN B 77 5.34 -11.02 -14.18
C GLN B 77 6.72 -11.61 -13.91
N PRO B 78 7.10 -12.66 -14.65
CA PRO B 78 8.44 -13.22 -14.45
C PRO B 78 9.48 -12.24 -14.94
N THR B 79 10.60 -12.20 -14.21
CA THR B 79 11.74 -11.40 -14.61
C THR B 79 12.97 -12.27 -14.55
N LEU B 80 14.04 -11.80 -15.19
CA LEU B 80 15.31 -12.52 -15.21
C LEU B 80 16.36 -11.77 -14.42
N ASN B 81 17.11 -12.50 -13.60
CA ASN B 81 18.24 -11.95 -12.84
C ASN B 81 17.83 -10.78 -11.94
N GLN B 82 16.60 -10.81 -11.43
CA GLN B 82 16.14 -9.84 -10.46
C GLN B 82 16.13 -10.47 -9.07
N LYS B 83 16.63 -9.73 -8.09
CA LYS B 83 16.70 -10.20 -6.72
C LYS B 83 15.39 -9.91 -6.00
N GLY B 84 14.86 -10.93 -5.33
CA GLY B 84 13.67 -10.76 -4.53
C GLY B 84 12.40 -10.82 -5.34
N VAL B 85 11.29 -10.52 -4.66
CA VAL B 85 9.97 -10.52 -5.27
C VAL B 85 9.29 -9.20 -4.87
N VAL B 86 8.51 -8.64 -5.79
CA VAL B 86 7.66 -7.49 -5.52
C VAL B 86 6.21 -7.96 -5.61
N MET B 87 5.42 -7.61 -4.60
CA MET B 87 4.01 -7.95 -4.61
C MET B 87 3.20 -6.66 -4.66
N ILE B 88 2.23 -6.60 -5.56
CA ILE B 88 1.32 -5.46 -5.67
C ILE B 88 -0.09 -5.97 -5.44
N ALA B 89 -0.77 -5.43 -4.43
CA ALA B 89 -2.10 -5.87 -4.08
C ALA B 89 -3.07 -4.70 -4.21
N SER B 90 -4.27 -4.97 -4.73
CA SER B 90 -5.22 -3.89 -4.93
C SER B 90 -6.63 -4.41 -4.72
N ASN B 91 -7.53 -3.51 -4.27
CA ASN B 91 -8.93 -3.87 -4.09
C ASN B 91 -9.79 -3.39 -5.25
N TYR B 92 -9.15 -3.05 -6.37
CA TYR B 92 -9.84 -2.74 -7.61
C TYR B 92 -9.00 -3.14 -8.82
#